data_8DVX
#
_entry.id   8DVX
#
_cell.length_a   34.662
_cell.length_b   54.559
_cell.length_c   61.782
_cell.angle_alpha   65.970
_cell.angle_beta   87.400
_cell.angle_gamma   84.070
#
_symmetry.space_group_name_H-M   'P 1'
#
loop_
_entity.id
_entity.type
_entity.pdbx_description
1 polymer 'Cytochrome c'
2 non-polymer 'HEME C'
3 non-polymer HEXACYANOFERRATE(3-)
4 water water
#
_entity_poly.entity_id   1
_entity_poly.type   'polypeptide(L)'
_entity_poly.pdbx_seq_one_letter_code
;GDVEKGKKIFVQKCAQCHTVEKGGKHKTGPNLHGLFGR(ALY)TGQAPGFSYTDANKNKGITWGEETLMEYLENPKKYIP
GTKMIFAGIKKKGEREDLIAYLKKATNE
;
_entity_poly.pdbx_strand_id   A,B,C,D
#
loop_
_chem_comp.id
_chem_comp.type
_chem_comp.name
_chem_comp.formula
FC6 non-polymer HEXACYANOFERRATE(3-) 'C6 Fe N6'
HEC non-polymer 'HEME C' 'C34 H34 Fe N4 O4'
#
# COMPACT_ATOMS: atom_id res chain seq x y z
N GLY A 1 20.33 -25.31 -16.50
CA GLY A 1 19.60 -24.38 -17.36
C GLY A 1 20.50 -23.33 -17.99
N ASP A 2 19.94 -22.51 -18.89
CA ASP A 2 20.68 -21.47 -19.60
C ASP A 2 20.57 -20.14 -18.83
N VAL A 3 21.69 -19.65 -18.31
CA VAL A 3 21.67 -18.43 -17.47
C VAL A 3 21.15 -17.21 -18.22
N GLU A 4 21.58 -17.00 -19.49
CA GLU A 4 21.13 -15.79 -20.18
C GLU A 4 19.66 -15.85 -20.57
N LYS A 5 19.16 -17.04 -20.90
CA LYS A 5 17.73 -17.21 -21.08
C LYS A 5 16.98 -16.93 -19.79
N GLY A 6 17.48 -17.45 -18.67
CA GLY A 6 16.83 -17.16 -17.39
C GLY A 6 16.82 -15.67 -17.04
N LYS A 7 17.89 -14.95 -17.39
CA LYS A 7 17.88 -13.50 -17.16
C LYS A 7 16.73 -12.82 -17.89
N LYS A 8 16.52 -13.16 -19.17
CA LYS A 8 15.41 -12.58 -19.92
C LYS A 8 14.08 -12.90 -19.25
N ILE A 9 13.92 -14.13 -18.73
CA ILE A 9 12.68 -14.50 -18.05
C ILE A 9 12.52 -13.68 -16.77
N PHE A 10 13.63 -13.56 -16.01
CA PHE A 10 13.58 -12.75 -14.79
C PHE A 10 13.19 -11.32 -15.07
N VAL A 11 13.80 -10.70 -16.07
CA VAL A 11 13.50 -9.30 -16.33
C VAL A 11 12.05 -9.15 -16.79
N GLN A 12 11.55 -10.08 -17.57
CA GLN A 12 10.17 -10.02 -18.07
C GLN A 12 9.14 -10.29 -16.99
N LYS A 13 9.42 -11.23 -16.07
CA LYS A 13 8.36 -11.73 -15.20
C LYS A 13 8.54 -11.39 -13.73
N CYS A 14 9.69 -10.88 -13.33
CA CYS A 14 10.05 -10.84 -11.90
C CYS A 14 10.66 -9.52 -11.46
N ALA A 15 11.46 -8.89 -12.35
CA ALA A 15 12.31 -7.76 -11.95
C ALA A 15 11.50 -6.55 -11.50
N GLN A 16 10.25 -6.41 -11.95
CA GLN A 16 9.46 -5.28 -11.48
C GLN A 16 9.20 -5.36 -10.00
N CYS A 17 9.19 -6.58 -9.45
CA CYS A 17 8.97 -6.72 -7.99
C CYS A 17 10.19 -7.09 -7.22
N HIS A 18 11.24 -7.55 -7.87
CA HIS A 18 12.38 -8.10 -7.14
C HIS A 18 13.71 -7.59 -7.71
N THR A 19 14.63 -7.21 -6.83
CA THR A 19 16.04 -7.11 -7.17
C THR A 19 16.79 -8.38 -6.76
N VAL A 20 17.96 -8.58 -7.39
CA VAL A 20 18.78 -9.75 -7.09
C VAL A 20 20.15 -9.40 -6.54
N GLU A 21 20.63 -8.18 -6.73
CA GLU A 21 22.02 -7.89 -6.50
C GLU A 21 22.29 -7.70 -5.01
N LYS A 22 23.55 -7.89 -4.67
CA LYS A 22 23.99 -7.69 -3.31
C LYS A 22 23.67 -6.28 -2.87
N GLY A 23 23.00 -6.15 -1.72
CA GLY A 23 22.61 -4.86 -1.25
C GLY A 23 21.45 -4.28 -2.00
N GLY A 24 20.84 -5.05 -2.90
CA GLY A 24 19.69 -4.56 -3.65
C GLY A 24 18.53 -4.22 -2.75
N LYS A 25 17.64 -3.40 -3.25
CA LYS A 25 16.57 -2.87 -2.44
C LYS A 25 15.35 -3.77 -2.44
N HIS A 26 14.62 -3.77 -1.31
CA HIS A 26 13.28 -4.35 -1.39
C HIS A 26 12.41 -3.46 -2.25
N LYS A 27 11.48 -4.07 -2.98
CA LYS A 27 10.47 -3.35 -3.76
C LYS A 27 9.11 -3.88 -3.37
N THR A 28 8.21 -4.15 -4.31
CA THR A 28 6.99 -4.86 -3.92
C THR A 28 7.34 -6.20 -3.23
N GLY A 29 8.32 -6.91 -3.79
CA GLY A 29 8.82 -8.12 -3.16
C GLY A 29 10.22 -7.94 -2.58
N PRO A 30 10.67 -8.89 -1.79
CA PRO A 30 12.01 -8.78 -1.18
C PRO A 30 13.17 -8.92 -2.15
N ASN A 31 14.26 -8.21 -1.83
CA ASN A 31 15.50 -8.54 -2.52
C ASN A 31 15.80 -10.03 -2.38
N LEU A 32 16.32 -10.66 -3.44
CA LEU A 32 16.52 -12.09 -3.43
C LEU A 32 18.00 -12.48 -3.25
N HIS A 33 18.89 -11.52 -3.00
CA HIS A 33 20.30 -11.95 -2.86
C HIS A 33 20.45 -12.92 -1.69
N GLY A 34 21.18 -14.01 -1.90
CA GLY A 34 21.41 -14.97 -0.81
C GLY A 34 20.28 -15.98 -0.62
N LEU A 35 19.28 -15.96 -1.52
CA LEU A 35 18.11 -16.81 -1.41
C LEU A 35 18.46 -18.29 -1.29
N PHE A 36 19.42 -18.77 -2.08
CA PHE A 36 19.70 -20.20 -2.12
C PHE A 36 20.31 -20.65 -0.80
N GLY A 37 19.63 -21.57 -0.16
CA GLY A 37 20.05 -22.08 1.15
C GLY A 37 19.47 -21.30 2.30
N ARG A 38 18.58 -20.33 2.04
CA ARG A 38 17.92 -19.58 3.12
C ARG A 38 16.52 -20.19 3.27
OH ALY A 39 14.31 -27.02 8.66
CH ALY A 39 13.67 -26.83 7.62
CH3 ALY A 39 12.70 -27.87 7.12
NZ ALY A 39 13.81 -25.67 6.86
CE ALY A 39 14.70 -24.58 7.22
CD ALY A 39 14.07 -23.19 7.09
CG ALY A 39 15.06 -22.17 6.57
CB ALY A 39 14.28 -20.93 6.14
CA ALY A 39 14.61 -20.60 4.67
N ALY A 39 15.96 -20.15 4.48
C ALY A 39 13.65 -19.51 4.17
O ALY A 39 14.03 -18.37 3.92
N THR A 40 12.38 -19.86 3.98
CA THR A 40 11.39 -18.88 3.47
C THR A 40 11.23 -17.74 4.46
N GLY A 41 10.98 -16.55 3.94
CA GLY A 41 10.60 -15.46 4.81
C GLY A 41 11.70 -14.85 5.64
N GLN A 42 12.96 -14.92 5.21
CA GLN A 42 14.08 -14.54 6.06
C GLN A 42 14.91 -13.40 5.53
N ALA A 43 14.52 -12.73 4.46
CA ALA A 43 15.29 -11.56 4.07
C ALA A 43 15.01 -10.48 5.12
N PRO A 44 16.02 -9.90 5.76
CA PRO A 44 15.74 -8.90 6.79
C PRO A 44 15.00 -7.67 6.28
N GLY A 45 14.13 -7.15 7.13
CA GLY A 45 13.51 -5.86 6.91
C GLY A 45 12.46 -5.84 5.82
N PHE A 46 11.68 -6.91 5.70
CA PHE A 46 10.63 -6.99 4.70
C PHE A 46 9.37 -7.54 5.35
N SER A 47 8.24 -6.88 5.11
CA SER A 47 6.92 -7.35 5.57
C SER A 47 6.39 -8.55 4.78
N TYR A 48 6.90 -9.74 5.13
CA TYR A 48 6.33 -10.96 4.61
C TYR A 48 4.97 -11.24 5.23
N THR A 49 4.15 -11.97 4.49
CA THR A 49 2.98 -12.63 5.10
C THR A 49 3.43 -13.71 6.08
N ASP A 50 2.55 -13.98 7.06
CA ASP A 50 2.80 -15.16 7.90
C ASP A 50 2.95 -16.42 7.05
N ALA A 51 2.11 -16.56 6.04
CA ALA A 51 2.19 -17.69 5.12
C ALA A 51 3.60 -17.92 4.63
N ASN A 52 4.26 -16.88 4.08
CA ASN A 52 5.62 -17.06 3.54
C ASN A 52 6.59 -17.28 4.69
N LYS A 53 6.41 -16.62 5.83
CA LYS A 53 7.31 -16.93 6.96
C LYS A 53 7.13 -18.34 7.48
N ASN A 54 5.94 -18.89 7.39
CA ASN A 54 5.69 -20.20 8.03
C ASN A 54 5.97 -21.40 7.12
N LYS A 55 6.14 -21.21 5.83
CA LYS A 55 6.26 -22.35 4.93
C LYS A 55 7.41 -23.27 5.36
N GLY A 56 8.54 -22.69 5.70
CA GLY A 56 9.53 -23.43 6.45
C GLY A 56 10.45 -24.33 5.63
N ILE A 57 10.48 -24.21 4.33
CA ILE A 57 11.38 -24.97 3.51
C ILE A 57 12.64 -24.16 3.28
N THR A 58 13.70 -24.85 2.88
CA THR A 58 14.93 -24.20 2.44
C THR A 58 14.83 -23.96 0.96
N TRP A 59 15.06 -22.70 0.52
CA TRP A 59 15.04 -22.44 -0.91
C TRP A 59 16.24 -23.06 -1.61
N GLY A 60 15.96 -23.68 -2.73
CA GLY A 60 17.00 -24.29 -3.53
C GLY A 60 16.45 -24.62 -4.89
N GLU A 61 17.25 -25.34 -5.68
CA GLU A 61 16.80 -25.63 -7.06
C GLU A 61 15.46 -26.36 -7.07
N GLU A 62 15.32 -27.40 -6.26
CA GLU A 62 14.11 -28.19 -6.32
C GLU A 62 12.92 -27.48 -5.71
N THR A 63 13.09 -26.79 -4.55
CA THR A 63 11.91 -26.12 -4.01
C THR A 63 11.48 -24.91 -4.86
N LEU A 64 12.43 -24.24 -5.51
CA LEU A 64 12.05 -23.19 -6.43
C LEU A 64 11.35 -23.75 -7.64
N MET A 65 11.75 -24.94 -8.13
CA MET A 65 11.04 -25.54 -9.25
C MET A 65 9.57 -25.74 -8.92
N GLU A 66 9.29 -26.25 -7.73
CA GLU A 66 7.91 -26.46 -7.31
C GLU A 66 7.18 -25.14 -7.06
N TYR A 67 7.82 -24.22 -6.32
CA TYR A 67 7.21 -22.92 -6.07
C TYR A 67 6.83 -22.19 -7.34
N LEU A 68 7.76 -22.12 -8.30
CA LEU A 68 7.52 -21.25 -9.44
C LEU A 68 6.49 -21.83 -10.38
N GLU A 69 6.20 -23.14 -10.27
CA GLU A 69 5.12 -23.70 -11.08
C GLU A 69 3.77 -23.11 -10.67
N ASN A 70 3.57 -22.89 -9.35
CA ASN A 70 2.31 -22.32 -8.87
C ASN A 70 2.49 -21.74 -7.49
N PRO A 71 2.96 -20.50 -7.38
CA PRO A 71 3.32 -19.98 -6.06
C PRO A 71 2.21 -20.09 -5.03
N LYS A 72 0.96 -19.82 -5.41
CA LYS A 72 -0.12 -19.80 -4.43
C LYS A 72 -0.47 -21.21 -3.94
N LYS A 73 -0.24 -22.24 -4.75
CA LYS A 73 -0.45 -23.61 -4.30
C LYS A 73 0.64 -24.05 -3.32
N TYR A 74 1.86 -23.57 -3.53
CA TYR A 74 2.97 -23.97 -2.68
C TYR A 74 2.93 -23.24 -1.34
N ILE A 75 2.58 -21.96 -1.38
CA ILE A 75 2.49 -21.11 -0.19
C ILE A 75 1.11 -20.47 -0.22
N PRO A 76 0.07 -21.16 0.21
CA PRO A 76 -1.27 -20.56 0.17
C PRO A 76 -1.31 -19.32 1.07
N GLY A 77 -1.99 -18.28 0.57
CA GLY A 77 -2.02 -17.02 1.28
C GLY A 77 -0.85 -16.10 0.99
N THR A 78 0.10 -16.51 0.16
CA THR A 78 1.18 -15.58 -0.19
C THR A 78 0.59 -14.33 -0.85
N LYS A 79 1.22 -13.17 -0.59
CA LYS A 79 0.86 -11.92 -1.26
C LYS A 79 1.66 -11.63 -2.54
N MET A 80 2.50 -12.57 -2.97
CA MET A 80 3.09 -12.52 -4.30
C MET A 80 2.04 -12.81 -5.38
N ILE A 81 1.79 -11.85 -6.26
CA ILE A 81 0.81 -11.99 -7.32
C ILE A 81 1.56 -12.38 -8.58
N PHE A 82 1.54 -13.67 -8.87
CA PHE A 82 2.23 -14.22 -10.03
C PHE A 82 1.65 -15.61 -10.22
N ALA A 83 1.18 -15.89 -11.42
CA ALA A 83 0.41 -17.11 -11.63
C ALA A 83 1.28 -18.36 -11.57
N GLY A 84 2.51 -18.26 -12.06
CA GLY A 84 3.40 -19.40 -12.15
C GLY A 84 3.87 -19.63 -13.58
N ILE A 85 4.86 -20.51 -13.69
CA ILE A 85 5.43 -20.94 -14.96
C ILE A 85 5.26 -22.45 -15.03
N LYS A 86 4.37 -22.92 -15.91
CA LYS A 86 4.22 -24.36 -16.07
C LYS A 86 5.35 -24.97 -16.89
N LYS A 87 5.98 -24.20 -17.76
CA LYS A 87 7.03 -24.79 -18.58
C LYS A 87 8.24 -25.16 -17.73
N LYS A 88 8.80 -26.33 -18.03
CA LYS A 88 9.92 -26.87 -17.27
C LYS A 88 11.22 -26.17 -17.62
N GLY A 89 11.53 -26.06 -18.94
CA GLY A 89 12.78 -25.44 -19.33
C GLY A 89 12.88 -24.01 -18.90
N GLU A 90 11.79 -23.24 -19.05
CA GLU A 90 11.77 -21.87 -18.58
C GLU A 90 12.13 -21.77 -17.10
N ARG A 91 11.49 -22.60 -16.26
CA ARG A 91 11.83 -22.62 -14.85
C ARG A 91 13.30 -22.97 -14.63
N GLU A 92 13.81 -23.96 -15.36
CA GLU A 92 15.20 -24.34 -15.14
C GLU A 92 16.13 -23.21 -15.52
N ASP A 93 15.85 -22.51 -16.63
CA ASP A 93 16.71 -21.40 -17.02
C ASP A 93 16.65 -20.28 -15.99
N LEU A 94 15.45 -19.96 -15.55
CA LEU A 94 15.26 -18.94 -14.53
C LEU A 94 16.04 -19.29 -13.27
N ILE A 95 15.93 -20.52 -12.83
CA ILE A 95 16.59 -20.93 -11.59
C ILE A 95 18.09 -20.92 -11.76
N ALA A 96 18.59 -21.27 -12.95
CA ALA A 96 20.03 -21.18 -13.17
C ALA A 96 20.48 -19.74 -13.15
N TYR A 97 19.67 -18.81 -13.71
CA TYR A 97 20.02 -17.42 -13.63
C TYR A 97 20.04 -16.96 -12.17
N LEU A 98 19.03 -17.35 -11.39
CA LEU A 98 18.98 -16.94 -10.00
C LEU A 98 20.14 -17.49 -9.20
N LYS A 99 20.55 -18.70 -9.52
CA LYS A 99 21.66 -19.28 -8.76
C LYS A 99 22.97 -18.55 -9.03
N LYS A 100 23.11 -17.95 -10.22
CA LYS A 100 24.25 -17.07 -10.46
C LYS A 100 24.03 -15.68 -9.83
N ALA A 101 22.93 -15.03 -10.18
CA ALA A 101 22.78 -13.61 -9.89
C ALA A 101 22.55 -13.33 -8.42
N THR A 102 21.84 -14.23 -7.71
CA THR A 102 21.64 -13.98 -6.30
C THR A 102 22.83 -14.40 -5.47
N ASN A 103 23.89 -14.89 -6.10
CA ASN A 103 25.10 -15.34 -5.38
C ASN A 103 26.34 -14.54 -5.78
N GLU A 104 26.18 -13.47 -6.56
CA GLU A 104 27.31 -12.76 -7.19
C GLU A 104 27.63 -11.51 -6.43
N GLY B 1 5.82 8.99 34.79
CA GLY B 1 4.54 9.23 34.11
C GLY B 1 3.47 8.30 34.60
N ASP B 2 2.23 8.64 34.25
CA ASP B 2 1.02 7.94 34.67
C ASP B 2 0.70 6.85 33.66
N VAL B 3 0.82 5.60 34.09
CA VAL B 3 0.68 4.46 33.19
C VAL B 3 -0.76 4.36 32.68
N GLU B 4 -1.74 4.62 33.53
CA GLU B 4 -3.12 4.49 33.07
C GLU B 4 -3.45 5.59 32.07
N LYS B 5 -2.99 6.83 32.34
CA LYS B 5 -3.18 7.89 31.36
C LYS B 5 -2.47 7.53 30.07
N GLY B 6 -1.23 7.03 30.18
CA GLY B 6 -0.49 6.67 28.97
C GLY B 6 -1.17 5.62 28.12
N LYS B 7 -1.84 4.66 28.73
CA LYS B 7 -2.61 3.68 27.98
C LYS B 7 -3.72 4.35 27.18
N LYS B 8 -4.47 5.26 27.80
CA LYS B 8 -5.50 5.93 27.01
C LYS B 8 -4.89 6.73 25.86
N ILE B 9 -3.76 7.39 26.08
CA ILE B 9 -3.10 8.11 24.99
C ILE B 9 -2.72 7.13 23.88
N PHE B 10 -2.21 5.98 24.26
CA PHE B 10 -1.81 4.99 23.27
C PHE B 10 -3.00 4.50 22.47
N VAL B 11 -4.09 4.17 23.15
CA VAL B 11 -5.27 3.71 22.44
C VAL B 11 -5.77 4.78 21.47
N GLN B 12 -5.78 6.04 21.91
CA GLN B 12 -6.28 7.13 21.07
C GLN B 12 -5.37 7.42 19.86
N LYS B 13 -4.04 7.40 20.05
CA LYS B 13 -3.15 8.01 19.09
C LYS B 13 -2.21 7.04 18.41
N CYS B 14 -2.10 5.81 18.90
CA CYS B 14 -1.11 4.88 18.36
C CYS B 14 -1.65 3.53 17.99
N ALA B 15 -2.66 3.03 18.74
CA ALA B 15 -3.03 1.61 18.62
C ALA B 15 -3.52 1.23 17.23
N GLN B 16 -4.12 2.16 16.49
CA GLN B 16 -4.57 1.81 15.14
C GLN B 16 -3.41 1.34 14.27
N CYS B 17 -2.21 1.81 14.54
CA CYS B 17 -1.06 1.40 13.75
C CYS B 17 -0.12 0.41 14.41
N HIS B 18 -0.18 0.26 15.74
CA HIS B 18 0.79 -0.53 16.52
C HIS B 18 0.11 -1.44 17.54
N THR B 19 0.60 -2.69 17.60
CA THR B 19 0.41 -3.55 18.75
C THR B 19 1.62 -3.51 19.67
N VAL B 20 1.39 -3.86 20.94
CA VAL B 20 2.45 -3.85 21.95
C VAL B 20 2.76 -5.20 22.55
N GLU B 21 1.85 -6.17 22.43
CA GLU B 21 2.04 -7.41 23.13
C GLU B 21 3.02 -8.33 22.42
N LYS B 22 3.67 -9.18 23.20
CA LYS B 22 4.58 -10.17 22.67
C LYS B 22 3.91 -11.03 21.62
N GLY B 23 4.50 -11.10 20.43
CA GLY B 23 3.89 -11.84 19.38
C GLY B 23 2.78 -11.12 18.66
N GLY B 24 2.47 -9.89 19.04
CA GLY B 24 1.40 -9.18 18.38
C GLY B 24 1.77 -8.87 16.95
N LYS B 25 0.76 -8.62 16.13
CA LYS B 25 1.02 -8.55 14.70
C LYS B 25 1.62 -7.20 14.33
N HIS B 26 2.37 -7.17 13.23
CA HIS B 26 2.65 -5.89 12.61
C HIS B 26 1.36 -5.46 11.92
N LYS B 27 1.13 -4.14 11.86
CA LYS B 27 -0.04 -3.57 11.20
C LYS B 27 0.52 -2.50 10.28
N THR B 28 -0.06 -1.30 10.30
CA THR B 28 0.55 -0.22 9.51
C THR B 28 1.97 0.01 10.00
N GLY B 29 2.15 -0.04 11.31
CA GLY B 29 3.46 0.08 11.91
C GLY B 29 3.85 -1.22 12.59
N PRO B 30 5.12 -1.32 12.98
CA PRO B 30 5.63 -2.55 13.59
C PRO B 30 5.10 -2.80 14.98
N ASN B 31 4.97 -4.08 15.30
CA ASN B 31 4.80 -4.44 16.72
C ASN B 31 5.90 -3.81 17.56
N LEU B 32 5.54 -3.35 18.78
CA LEU B 32 6.50 -2.62 19.60
C LEU B 32 7.02 -3.44 20.78
N HIS B 33 6.68 -4.73 20.88
CA HIS B 33 7.15 -5.45 22.06
C HIS B 33 8.66 -5.49 22.07
N GLY B 34 9.26 -5.31 23.26
CA GLY B 34 10.70 -5.36 23.36
C GLY B 34 11.42 -4.11 22.93
N LEU B 35 10.66 -3.05 22.57
CA LEU B 35 11.21 -1.79 22.08
C LEU B 35 12.32 -1.23 22.94
N PHE B 36 12.12 -1.23 24.26
CA PHE B 36 13.10 -0.59 25.14
C PHE B 36 14.40 -1.38 25.14
N GLY B 37 15.49 -0.72 24.72
CA GLY B 37 16.77 -1.37 24.58
C GLY B 37 17.01 -1.92 23.18
N ARG B 38 16.05 -1.79 22.26
CA ARG B 38 16.31 -2.23 20.90
C ARG B 38 16.75 -1.03 20.04
OH ALY B 39 24.71 -2.33 16.67
CH ALY B 39 24.94 -1.11 16.76
CH3 ALY B 39 26.18 -0.50 16.13
NZ ALY B 39 24.09 -0.24 17.45
CE ALY B 39 22.87 -0.61 18.11
CD ALY B 39 21.62 0.22 17.76
CG ALY B 39 20.40 -0.55 18.25
CB ALY B 39 19.20 -0.41 17.29
CA ALY B 39 17.94 -0.16 18.11
N ALY B 39 17.59 -1.26 19.03
C ALY B 39 16.78 0.09 17.15
O ALY B 39 15.90 -0.74 16.94
N THR B 40 16.77 1.27 16.56
CA THR B 40 15.77 1.61 15.54
C THR B 40 15.73 0.59 14.39
N GLY B 41 14.50 0.28 13.92
CA GLY B 41 14.39 -0.50 12.71
C GLY B 41 14.75 -1.97 12.83
N GLN B 42 14.62 -2.57 14.02
CA GLN B 42 15.12 -3.93 14.20
C GLN B 42 14.02 -4.92 14.61
N ALA B 43 12.76 -4.57 14.56
CA ALA B 43 11.78 -5.62 14.76
C ALA B 43 11.74 -6.50 13.53
N PRO B 44 11.78 -7.81 13.65
CA PRO B 44 11.92 -8.64 12.45
C PRO B 44 10.65 -8.66 11.65
N GLY B 45 10.81 -8.79 10.33
CA GLY B 45 9.66 -9.03 9.51
C GLY B 45 8.85 -7.81 9.13
N PHE B 46 9.48 -6.62 9.10
CA PHE B 46 8.73 -5.39 8.87
C PHE B 46 9.48 -4.53 7.86
N SER B 47 8.75 -4.05 6.84
CA SER B 47 9.29 -3.14 5.82
C SER B 47 9.46 -1.71 6.37
N TYR B 48 10.53 -1.51 7.15
CA TYR B 48 10.86 -0.17 7.60
C TYR B 48 11.43 0.64 6.45
N THR B 49 11.29 1.97 6.56
CA THR B 49 12.09 2.82 5.67
C THR B 49 13.58 2.66 5.98
N ASP B 50 14.42 2.95 4.98
CA ASP B 50 15.85 3.03 5.29
C ASP B 50 16.17 4.09 6.33
N ALA B 51 15.41 5.19 6.37
CA ALA B 51 15.56 6.20 7.42
C ALA B 51 15.41 5.59 8.79
N ASN B 52 14.35 4.81 8.98
CA ASN B 52 14.18 4.21 10.33
C ASN B 52 15.23 3.13 10.54
N LYS B 53 15.63 2.38 9.51
CA LYS B 53 16.63 1.32 9.72
C LYS B 53 18.00 1.87 10.06
N ASN B 54 18.32 3.06 9.59
CA ASN B 54 19.66 3.62 9.65
C ASN B 54 19.85 4.70 10.72
N LYS B 55 18.79 5.10 11.41
CA LYS B 55 18.91 6.16 12.40
C LYS B 55 19.97 5.82 13.45
N GLY B 56 20.00 4.59 13.91
CA GLY B 56 21.17 4.12 14.61
C GLY B 56 21.18 4.52 16.08
N ILE B 57 20.02 4.67 16.69
CA ILE B 57 19.98 4.97 18.13
C ILE B 57 19.29 3.81 18.85
N THR B 58 19.52 3.70 20.16
CA THR B 58 18.82 2.72 21.00
C THR B 58 17.56 3.32 21.59
N TRP B 59 16.43 2.63 21.45
CA TRP B 59 15.21 3.19 22.02
C TRP B 59 15.21 3.09 23.54
N GLY B 60 14.84 4.19 24.16
CA GLY B 60 14.75 4.22 25.60
C GLY B 60 13.85 5.38 26.00
N GLU B 61 13.75 5.62 27.30
CA GLU B 61 12.89 6.72 27.75
C GLU B 61 13.28 8.04 27.12
N GLU B 62 14.55 8.37 27.14
CA GLU B 62 15.02 9.65 26.61
C GLU B 62 14.94 9.74 25.08
N THR B 63 15.35 8.69 24.35
CA THR B 63 15.21 8.83 22.89
C THR B 63 13.74 8.86 22.45
N LEU B 64 12.87 8.11 23.12
CA LEU B 64 11.45 8.19 22.79
C LEU B 64 10.86 9.56 23.11
N MET B 65 11.30 10.20 24.19
CA MET B 65 10.82 11.54 24.53
C MET B 65 11.10 12.51 23.38
N GLU B 66 12.30 12.42 22.84
CA GLU B 66 12.67 13.29 21.71
C GLU B 66 11.92 12.90 20.43
N TYR B 67 11.89 11.61 20.12
CA TYR B 67 11.21 11.13 18.93
C TYR B 67 9.74 11.53 18.89
N LEU B 68 9.01 11.30 19.99
CA LEU B 68 7.59 11.50 19.99
C LEU B 68 7.21 12.97 19.92
N GLU B 69 8.14 13.87 20.21
CA GLU B 69 7.84 15.29 20.12
C GLU B 69 7.66 15.67 18.67
N ASN B 70 8.46 15.03 17.78
CA ASN B 70 8.41 15.38 16.36
C ASN B 70 9.08 14.25 15.60
N PRO B 71 8.33 13.19 15.30
CA PRO B 71 8.98 12.00 14.69
C PRO B 71 9.73 12.29 13.41
N LYS B 72 9.17 13.12 12.52
CA LYS B 72 9.86 13.36 11.24
C LYS B 72 11.10 14.21 11.41
N LYS B 73 11.16 15.01 12.46
CA LYS B 73 12.40 15.74 12.72
C LYS B 73 13.48 14.80 13.24
N TYR B 74 13.12 13.80 14.05
CA TYR B 74 14.10 12.87 14.58
C TYR B 74 14.55 11.85 13.52
N ILE B 75 13.61 11.40 12.70
CA ILE B 75 13.93 10.41 11.65
C ILE B 75 13.38 10.93 10.33
N PRO B 76 14.05 11.88 9.68
CA PRO B 76 13.52 12.40 8.41
C PRO B 76 13.36 11.31 7.36
N GLY B 77 12.26 11.38 6.66
CA GLY B 77 11.91 10.33 5.74
C GLY B 77 11.16 9.18 6.37
N THR B 78 10.87 9.22 7.68
CA THR B 78 10.06 8.12 8.22
C THR B 78 8.70 8.06 7.52
N LYS B 79 8.16 6.83 7.39
CA LYS B 79 6.79 6.68 6.86
C LYS B 79 5.73 6.59 7.97
N MET B 80 6.12 6.83 9.22
CA MET B 80 5.14 6.99 10.27
C MET B 80 4.49 8.36 10.16
N ILE B 81 3.19 8.40 9.88
CA ILE B 81 2.49 9.66 9.64
C ILE B 81 1.80 10.02 10.95
N PHE B 82 2.48 10.84 11.71
CA PHE B 82 2.03 11.26 13.03
C PHE B 82 2.79 12.53 13.37
N ALA B 83 2.05 13.57 13.73
CA ALA B 83 2.70 14.87 13.85
C ALA B 83 3.62 14.94 15.05
N GLY B 84 3.25 14.26 16.13
CA GLY B 84 4.04 14.30 17.34
C GLY B 84 3.22 14.86 18.47
N ILE B 85 3.78 14.77 19.66
CA ILE B 85 3.14 15.26 20.88
C ILE B 85 4.08 16.27 21.52
N LYS B 86 3.70 17.56 21.50
CA LYS B 86 4.56 18.58 22.07
C LYS B 86 4.45 18.63 23.60
N LYS B 87 3.32 18.18 24.17
CA LYS B 87 3.14 18.19 25.63
C LYS B 87 4.11 17.23 26.29
N LYS B 88 4.76 17.68 27.39
CA LYS B 88 5.75 16.88 28.07
C LYS B 88 5.10 15.79 28.91
N GLY B 89 4.08 16.16 29.70
CA GLY B 89 3.40 15.19 30.54
C GLY B 89 2.78 14.07 29.75
N GLU B 90 2.17 14.39 28.61
CA GLU B 90 1.54 13.40 27.79
C GLU B 90 2.58 12.39 27.32
N ARG B 91 3.74 12.89 26.86
CA ARG B 91 4.80 11.99 26.41
C ARG B 91 5.31 11.14 27.58
N GLU B 92 5.51 11.75 28.74
CA GLU B 92 5.98 10.97 29.90
C GLU B 92 4.99 9.85 30.22
N ASP B 93 3.70 10.18 30.25
CA ASP B 93 2.67 9.17 30.51
C ASP B 93 2.71 8.05 29.46
N LEU B 94 2.78 8.44 28.18
CA LEU B 94 2.81 7.44 27.12
C LEU B 94 4.01 6.54 27.30
N ILE B 95 5.18 7.13 27.55
CA ILE B 95 6.40 6.35 27.67
C ILE B 95 6.34 5.45 28.89
N ALA B 96 5.70 5.91 29.96
CA ALA B 96 5.60 5.01 31.13
C ALA B 96 4.69 3.83 30.81
N TYR B 97 3.59 4.09 30.10
CA TYR B 97 2.74 2.99 29.67
C TYR B 97 3.53 2.03 28.78
N LEU B 98 4.29 2.57 27.79
CA LEU B 98 5.00 1.67 26.90
C LEU B 98 6.08 0.87 27.64
N LYS B 99 6.74 1.46 28.63
CA LYS B 99 7.73 0.67 29.38
C LYS B 99 7.08 -0.48 30.14
N LYS B 100 5.78 -0.39 30.44
CA LYS B 100 5.11 -1.56 31.02
C LYS B 100 4.65 -2.48 29.91
N ALA B 101 3.86 -1.93 28.98
CA ALA B 101 3.12 -2.78 28.05
C ALA B 101 4.04 -3.48 27.07
N THR B 102 5.11 -2.82 26.60
CA THR B 102 5.97 -3.52 25.64
C THR B 102 6.96 -4.46 26.31
N ASN B 103 6.93 -4.57 27.63
CA ASN B 103 7.81 -5.46 28.38
C ASN B 103 7.04 -6.58 29.07
N GLU B 104 5.72 -6.58 29.01
CA GLU B 104 4.88 -7.56 29.71
C GLU B 104 4.85 -8.92 29.03
N GLY C 1 -13.43 31.57 12.08
CA GLY C 1 -12.11 31.13 12.51
C GLY C 1 -11.02 31.89 11.77
N ASP C 2 -9.79 31.69 12.22
CA ASP C 2 -8.61 32.43 11.75
C ASP C 2 -7.90 31.59 10.68
N VAL C 3 -7.94 32.08 9.44
CA VAL C 3 -7.36 31.35 8.30
C VAL C 3 -5.88 31.04 8.51
N GLU C 4 -5.09 32.03 8.97
CA GLU C 4 -3.67 31.78 9.17
C GLU C 4 -3.38 30.79 10.29
N LYS C 5 -4.10 30.86 11.41
CA LYS C 5 -3.92 29.80 12.38
C LYS C 5 -4.32 28.45 11.79
N GLY C 6 -5.39 28.43 11.01
CA GLY C 6 -5.81 27.18 10.42
C GLY C 6 -4.80 26.59 9.44
N LYS C 7 -4.09 27.44 8.70
CA LYS C 7 -3.04 26.95 7.79
C LYS C 7 -1.97 26.22 8.59
N LYS C 8 -1.59 26.80 9.72
CA LYS C 8 -0.61 26.12 10.57
C LYS C 8 -1.12 24.78 11.07
N ILE C 9 -2.39 24.70 11.46
CA ILE C 9 -2.92 23.41 11.90
C ILE C 9 -2.93 22.42 10.74
N PHE C 10 -3.33 22.88 9.55
CA PHE C 10 -3.33 22.01 8.38
C PHE C 10 -1.93 21.46 8.09
N VAL C 11 -0.94 22.34 8.01
CA VAL C 11 0.43 21.90 7.74
C VAL C 11 0.89 20.86 8.76
N GLN C 12 0.55 21.08 10.03
CA GLN C 12 0.98 20.18 11.11
C GLN C 12 0.26 18.84 11.06
N LYS C 13 -1.05 18.83 10.79
CA LYS C 13 -1.87 17.66 11.04
C LYS C 13 -2.47 16.99 9.80
N CYS C 14 -2.43 17.65 8.63
CA CYS C 14 -3.17 17.12 7.49
C CYS C 14 -2.31 17.05 6.23
N ALA C 15 -1.37 17.99 6.10
CA ALA C 15 -0.72 18.19 4.80
C ALA C 15 0.06 16.96 4.33
N GLN C 16 0.52 16.15 5.26
CA GLN C 16 1.28 14.99 4.79
C GLN C 16 0.42 14.03 4.02
N CYS C 17 -0.90 14.05 4.25
CA CYS C 17 -1.76 13.17 3.52
C CYS C 17 -2.64 13.87 2.49
N HIS C 18 -2.81 15.20 2.55
CA HIS C 18 -3.72 15.93 1.68
C HIS C 18 -3.08 17.17 1.07
N THR C 19 -3.35 17.37 -0.24
CA THR C 19 -3.14 18.67 -0.89
C THR C 19 -4.50 19.38 -0.96
N VAL C 20 -4.46 20.70 -1.21
CA VAL C 20 -5.68 21.50 -1.28
C VAL C 20 -5.86 22.23 -2.60
N GLU C 21 -4.79 22.47 -3.34
CA GLU C 21 -4.92 23.36 -4.49
C GLU C 21 -5.55 22.63 -5.65
N LYS C 22 -6.13 23.43 -6.58
CA LYS C 22 -6.74 22.87 -7.78
C LYS C 22 -5.75 21.98 -8.54
N GLY C 23 -6.19 20.76 -8.86
CA GLY C 23 -5.38 19.80 -9.58
C GLY C 23 -4.28 19.15 -8.77
N GLY C 24 -4.09 19.57 -7.50
CA GLY C 24 -3.10 19.01 -6.58
C GLY C 24 -3.13 17.50 -6.54
N LYS C 25 -2.01 16.86 -6.21
CA LYS C 25 -2.02 15.42 -6.36
C LYS C 25 -2.73 14.73 -5.22
N HIS C 26 -3.31 13.57 -5.53
CA HIS C 26 -3.69 12.64 -4.48
C HIS C 26 -2.44 12.10 -3.81
N LYS C 27 -2.55 11.83 -2.51
CA LYS C 27 -1.40 11.28 -1.77
C LYS C 27 -1.96 10.14 -0.94
N THR C 28 -1.57 10.02 0.33
CA THR C 28 -2.26 9.00 1.12
C THR C 28 -3.76 9.25 1.10
N GLY C 29 -4.16 10.50 1.21
CA GLY C 29 -5.55 10.88 1.13
C GLY C 29 -5.80 11.68 -0.14
N PRO C 30 -7.09 11.90 -0.43
CA PRO C 30 -7.45 12.65 -1.65
C PRO C 30 -7.07 14.11 -1.61
N ASN C 31 -6.81 14.66 -2.80
CA ASN C 31 -6.83 16.12 -2.92
C ASN C 31 -8.20 16.66 -2.48
N LEU C 32 -8.18 17.80 -1.78
CA LEU C 32 -9.36 18.40 -1.18
C LEU C 32 -9.92 19.61 -1.93
N HIS C 33 -9.43 19.90 -3.15
CA HIS C 33 -9.96 21.07 -3.85
C HIS C 33 -11.41 20.87 -4.20
N GLY C 34 -12.21 21.91 -3.94
CA GLY C 34 -13.64 21.86 -4.21
C GLY C 34 -14.47 21.10 -3.19
N LEU C 35 -13.85 20.69 -2.07
CA LEU C 35 -14.55 19.85 -1.10
C LEU C 35 -15.88 20.47 -0.66
N PHE C 36 -15.89 21.79 -0.41
CA PHE C 36 -17.08 22.42 0.18
C PHE C 36 -18.23 22.36 -0.80
N GLY C 37 -19.31 21.74 -0.38
CA GLY C 37 -20.47 21.58 -1.23
C GLY C 37 -20.46 20.30 -2.05
N ARG C 38 -19.46 19.44 -1.86
CA ARG C 38 -19.47 18.18 -2.54
C ARG C 38 -19.91 17.09 -1.57
OH ALY C 39 -23.19 10.62 -5.05
CH ALY C 39 -24.38 10.92 -4.81
CH3 ALY C 39 -25.46 10.54 -5.80
NZ ALY C 39 -24.76 11.59 -3.65
CE ALY C 39 -23.89 12.04 -2.60
CD ALY C 39 -24.32 13.36 -1.92
CG ALY C 39 -23.24 14.44 -2.01
CB ALY C 39 -21.84 13.84 -1.84
CA ALY C 39 -20.84 14.85 -1.22
N ALY C 39 -20.46 15.98 -2.08
C ALY C 39 -19.54 14.11 -0.91
O ALY C 39 -18.48 14.27 -1.54
N THR C 40 -19.59 13.29 0.15
CA THR C 40 -18.40 12.52 0.51
C THR C 40 -17.94 11.57 -0.62
N GLY C 41 -16.63 11.37 -0.71
CA GLY C 41 -16.17 10.32 -1.60
C GLY C 41 -16.22 10.66 -3.07
N GLN C 42 -16.11 11.94 -3.44
CA GLN C 42 -16.37 12.34 -4.83
C GLN C 42 -15.20 13.04 -5.49
N ALA C 43 -14.00 13.06 -4.88
CA ALA C 43 -12.83 13.53 -5.60
C ALA C 43 -12.50 12.52 -6.70
N PRO C 44 -12.41 12.93 -7.96
CA PRO C 44 -12.17 11.94 -9.01
C PRO C 44 -10.80 11.29 -8.88
N GLY C 45 -10.77 9.99 -9.18
CA GLY C 45 -9.50 9.27 -9.26
C GLY C 45 -8.84 8.93 -7.95
N PHE C 46 -9.61 8.65 -6.92
CA PHE C 46 -9.06 8.26 -5.63
C PHE C 46 -9.79 7.01 -5.12
N SER C 47 -9.02 6.06 -4.58
CA SER C 47 -9.52 4.81 -4.03
C SER C 47 -10.06 5.05 -2.62
N TYR C 48 -11.26 5.64 -2.56
CA TYR C 48 -12.01 5.75 -1.32
C TYR C 48 -12.50 4.40 -0.84
N THR C 49 -12.69 4.29 0.48
CA THR C 49 -13.45 3.17 1.02
C THR C 49 -14.90 3.28 0.63
N ASP C 50 -15.60 2.14 0.65
CA ASP C 50 -17.05 2.19 0.51
C ASP C 50 -17.68 3.00 1.63
N ALA C 51 -17.10 2.96 2.83
CA ALA C 51 -17.65 3.73 3.94
C ALA C 51 -17.68 5.20 3.60
N ASN C 52 -16.58 5.73 3.07
CA ASN C 52 -16.51 7.17 2.76
C ASN C 52 -17.42 7.50 1.58
N LYS C 53 -17.56 6.60 0.62
CA LYS C 53 -18.48 6.84 -0.50
C LYS C 53 -19.93 6.74 -0.08
N ASN C 54 -20.25 5.91 0.90
CA ASN C 54 -21.66 5.70 1.24
C ASN C 54 -22.17 6.64 2.32
N LYS C 55 -21.31 7.42 2.98
CA LYS C 55 -21.80 8.28 4.05
C LYS C 55 -22.90 9.21 3.54
N GLY C 56 -22.67 9.82 2.40
CA GLY C 56 -23.73 10.49 1.69
C GLY C 56 -24.08 11.90 2.17
N ILE C 57 -23.24 12.53 2.96
CA ILE C 57 -23.51 13.87 3.43
C ILE C 57 -22.80 14.86 2.52
N THR C 58 -23.18 16.14 2.63
CA THR C 58 -22.52 17.22 1.90
C THR C 58 -21.48 17.86 2.80
N TRP C 59 -20.25 18.00 2.31
CA TRP C 59 -19.22 18.62 3.12
C TRP C 59 -19.42 20.12 3.23
N GLY C 60 -19.27 20.64 4.44
CA GLY C 60 -19.47 22.07 4.67
C GLY C 60 -18.92 22.38 6.04
N GLU C 61 -19.11 23.62 6.50
CA GLU C 61 -18.50 24.02 7.77
C GLU C 61 -18.97 23.13 8.91
N GLU C 62 -20.29 22.87 8.98
CA GLU C 62 -20.78 22.13 10.13
C GLU C 62 -20.50 20.65 10.03
N THR C 63 -20.58 20.06 8.83
CA THR C 63 -20.30 18.63 8.77
C THR C 63 -18.82 18.35 8.98
N LEU C 64 -17.95 19.28 8.56
CA LEU C 64 -16.52 19.15 8.87
C LEU C 64 -16.25 19.31 10.35
N MET C 65 -16.95 20.24 11.01
CA MET C 65 -16.80 20.40 12.45
C MET C 65 -17.05 19.07 13.16
N GLU C 66 -18.08 18.34 12.74
CA GLU C 66 -18.41 17.08 13.40
C GLU C 66 -17.42 16.01 13.03
N TYR C 67 -17.08 15.92 11.74
CA TYR C 67 -16.12 14.93 11.27
C TYR C 67 -14.79 15.06 11.97
N LEU C 68 -14.24 16.27 12.01
CA LEU C 68 -12.88 16.44 12.49
C LEU C 68 -12.75 16.19 13.98
N GLU C 69 -13.87 16.24 14.73
CA GLU C 69 -13.82 15.89 16.15
C GLU C 69 -13.41 14.44 16.34
N ASN C 70 -13.90 13.56 15.44
CA ASN C 70 -13.64 12.12 15.53
C ASN C 70 -13.99 11.48 14.21
N PRO C 71 -13.07 11.49 13.24
CA PRO C 71 -13.41 11.03 11.90
C PRO C 71 -13.94 9.61 11.84
N LYS C 72 -13.39 8.70 12.65
CA LYS C 72 -13.84 7.31 12.58
C LYS C 72 -15.23 7.11 13.18
N LYS C 73 -15.67 7.98 14.06
CA LYS C 73 -17.05 7.83 14.51
C LYS C 73 -18.03 8.46 13.54
N TYR C 74 -17.60 9.41 12.72
CA TYR C 74 -18.50 10.04 11.75
C TYR C 74 -18.64 9.19 10.49
N ILE C 75 -17.57 8.53 10.07
CA ILE C 75 -17.58 7.70 8.89
C ILE C 75 -16.96 6.39 9.33
N PRO C 76 -17.73 5.52 9.97
CA PRO C 76 -17.15 4.28 10.49
C PRO C 76 -16.67 3.43 9.33
N GLY C 77 -15.45 2.89 9.47
CA GLY C 77 -14.85 2.15 8.39
C GLY C 77 -13.92 2.97 7.52
N THR C 78 -13.81 4.28 7.74
CA THR C 78 -12.88 5.08 6.95
C THR C 78 -11.45 4.59 7.15
N LYS C 79 -10.62 4.76 6.11
CA LYS C 79 -9.21 4.45 6.23
C LYS C 79 -8.33 5.66 6.50
N MET C 80 -8.92 6.84 6.74
CA MET C 80 -8.18 7.97 7.27
C MET C 80 -7.75 7.68 8.70
N ILE C 81 -6.45 7.64 8.92
CA ILE C 81 -5.92 7.33 10.25
C ILE C 81 -5.58 8.68 10.88
N PHE C 82 -6.49 9.15 11.73
CA PHE C 82 -6.35 10.45 12.38
C PHE C 82 -7.34 10.46 13.53
N ALA C 83 -6.84 10.74 14.76
CA ALA C 83 -7.70 10.54 15.92
C ALA C 83 -8.82 11.57 15.99
N GLY C 84 -8.54 12.79 15.55
CA GLY C 84 -9.51 13.88 15.66
C GLY C 84 -8.96 15.03 16.47
N ILE C 85 -9.73 16.12 16.44
CA ILE C 85 -9.44 17.36 17.16
C ILE C 85 -10.66 17.69 18.01
N LYS C 86 -10.56 17.50 19.34
CA LYS C 86 -11.73 17.87 20.15
C LYS C 86 -11.84 19.38 20.42
N LYS C 87 -10.72 20.14 20.36
CA LYS C 87 -10.78 21.59 20.56
C LYS C 87 -11.66 22.27 19.52
N LYS C 88 -12.47 23.20 19.97
CA LYS C 88 -13.43 23.87 19.10
C LYS C 88 -12.75 24.97 18.26
N GLY C 89 -11.98 25.87 18.91
CA GLY C 89 -11.35 26.96 18.16
C GLY C 89 -10.41 26.45 17.09
N GLU C 90 -9.70 25.36 17.39
CA GLU C 90 -8.76 24.79 16.43
C GLU C 90 -9.49 24.29 15.20
N ARG C 91 -10.59 23.55 15.39
CA ARG C 91 -11.36 23.09 14.24
C ARG C 91 -11.91 24.26 13.46
N GLU C 92 -12.44 25.27 14.17
CA GLU C 92 -12.94 26.45 13.43
C GLU C 92 -11.85 27.12 12.58
N ASP C 93 -10.66 27.29 13.13
CA ASP C 93 -9.54 27.88 12.39
C ASP C 93 -9.20 27.03 11.18
N LEU C 94 -9.06 25.71 11.41
CA LEU C 94 -8.74 24.78 10.33
C LEU C 94 -9.82 24.85 9.24
N ILE C 95 -11.09 24.90 9.65
CA ILE C 95 -12.14 24.90 8.65
C ILE C 95 -12.12 26.20 7.86
N ALA C 96 -11.82 27.32 8.52
CA ALA C 96 -11.71 28.62 7.82
C ALA C 96 -10.60 28.59 6.80
N TYR C 97 -9.46 27.96 7.17
CA TYR C 97 -8.37 27.80 6.22
C TYR C 97 -8.81 26.94 5.05
N LEU C 98 -9.44 25.79 5.33
CA LEU C 98 -9.85 24.92 4.22
C LEU C 98 -10.86 25.63 3.31
N LYS C 99 -11.74 26.46 3.88
CA LYS C 99 -12.75 27.12 3.02
C LYS C 99 -12.09 28.10 2.11
N LYS C 100 -10.96 28.68 2.51
CA LYS C 100 -10.20 29.51 1.58
C LYS C 100 -9.33 28.68 0.63
N ALA C 101 -8.48 27.84 1.19
CA ALA C 101 -7.50 27.16 0.37
C ALA C 101 -8.10 26.15 -0.59
N THR C 102 -9.17 25.43 -0.21
CA THR C 102 -9.71 24.46 -1.15
C THR C 102 -10.61 25.12 -2.18
N ASN C 103 -10.81 26.43 -2.10
CA ASN C 103 -11.64 27.13 -3.09
C ASN C 103 -10.86 28.12 -3.94
N GLU C 104 -9.57 28.29 -3.72
CA GLU C 104 -8.88 29.35 -4.47
C GLU C 104 -8.16 28.72 -5.66
N GLY D 1 -13.17 -15.27 -29.93
CA GLY D 1 -12.51 -15.94 -28.80
C GLY D 1 -13.47 -16.83 -28.02
N ASP D 2 -12.92 -17.79 -27.26
CA ASP D 2 -13.70 -18.73 -26.48
C ASP D 2 -13.85 -18.22 -25.05
N VAL D 3 -15.10 -18.01 -24.61
CA VAL D 3 -15.35 -17.36 -23.32
C VAL D 3 -14.80 -18.16 -22.14
N GLU D 4 -15.00 -19.49 -22.11
CA GLU D 4 -14.50 -20.29 -20.97
C GLU D 4 -12.99 -20.31 -20.94
N LYS D 5 -12.34 -20.46 -22.10
CA LYS D 5 -10.88 -20.36 -22.14
C LYS D 5 -10.41 -18.99 -21.66
N GLY D 6 -11.10 -17.91 -22.09
CA GLY D 6 -10.77 -16.62 -21.53
C GLY D 6 -11.01 -16.48 -20.04
N LYS D 7 -12.04 -17.15 -19.51
CA LYS D 7 -12.28 -17.11 -18.05
C LYS D 7 -11.12 -17.80 -17.32
N LYS D 8 -10.65 -18.90 -17.87
CA LYS D 8 -9.49 -19.55 -17.26
C LYS D 8 -8.28 -18.61 -17.22
N ILE D 9 -8.03 -17.90 -18.31
CA ILE D 9 -6.90 -16.97 -18.37
C ILE D 9 -7.09 -15.84 -17.36
N PHE D 10 -8.30 -15.28 -17.30
CA PHE D 10 -8.57 -14.21 -16.35
C PHE D 10 -8.34 -14.64 -14.91
N VAL D 11 -8.90 -15.79 -14.52
CA VAL D 11 -8.67 -16.28 -13.16
C VAL D 11 -7.18 -16.46 -12.89
N GLN D 12 -6.45 -17.02 -13.87
CA GLN D 12 -5.03 -17.33 -13.70
C GLN D 12 -4.17 -16.07 -13.62
N LYS D 13 -4.48 -15.06 -14.44
CA LYS D 13 -3.53 -13.98 -14.70
C LYS D 13 -4.04 -12.60 -14.25
N CYS D 14 -5.30 -12.46 -13.88
CA CYS D 14 -5.84 -11.11 -13.68
C CYS D 14 -6.64 -10.95 -12.41
N ALA D 15 -7.32 -12.02 -11.99
CA ALA D 15 -8.38 -11.92 -10.97
C ALA D 15 -7.84 -11.52 -9.61
N GLN D 16 -6.57 -11.78 -9.32
CA GLN D 16 -6.04 -11.31 -8.05
C GLN D 16 -5.93 -9.80 -7.95
N CYS D 17 -5.90 -9.06 -9.06
CA CYS D 17 -5.86 -7.63 -9.01
C CYS D 17 -7.15 -6.98 -9.48
N HIS D 18 -8.02 -7.72 -10.17
CA HIS D 18 -9.21 -7.15 -10.80
C HIS D 18 -10.47 -7.98 -10.55
N THR D 19 -11.56 -7.28 -10.19
CA THR D 19 -12.89 -7.85 -10.26
C THR D 19 -13.55 -7.34 -11.52
N VAL D 20 -14.52 -8.11 -12.00
CA VAL D 20 -15.25 -7.74 -13.21
C VAL D 20 -16.72 -7.50 -12.95
N GLU D 21 -17.26 -7.98 -11.85
CA GLU D 21 -18.70 -7.99 -11.66
C GLU D 21 -19.19 -6.59 -11.30
N LYS D 22 -20.45 -6.37 -11.60
CA LYS D 22 -21.11 -5.12 -11.25
C LYS D 22 -21.08 -4.89 -9.76
N GLY D 23 -20.57 -3.73 -9.35
CA GLY D 23 -20.39 -3.45 -7.95
C GLY D 23 -19.16 -4.05 -7.30
N GLY D 24 -18.41 -4.90 -8.02
CA GLY D 24 -17.25 -5.54 -7.43
C GLY D 24 -16.23 -4.54 -6.93
N LYS D 25 -15.36 -5.00 -6.03
CA LYS D 25 -14.44 -4.13 -5.33
C LYS D 25 -13.18 -3.81 -6.13
N HIS D 26 -12.66 -2.61 -5.92
CA HIS D 26 -11.32 -2.30 -6.36
C HIS D 26 -10.39 -3.09 -5.47
N LYS D 27 -9.33 -3.61 -6.06
CA LYS D 27 -8.35 -4.37 -5.32
C LYS D 27 -7.02 -3.68 -5.54
N THR D 28 -5.95 -4.44 -5.74
CA THR D 28 -4.74 -3.81 -6.21
C THR D 28 -5.07 -2.97 -7.43
N GLY D 29 -6.02 -3.42 -8.22
CA GLY D 29 -6.28 -2.74 -9.49
C GLY D 29 -7.76 -2.39 -9.52
N PRO D 30 -8.15 -1.63 -10.52
CA PRO D 30 -9.54 -1.19 -10.58
C PRO D 30 -10.52 -2.29 -10.98
N ASN D 31 -11.73 -2.21 -10.44
CA ASN D 31 -12.84 -2.99 -10.99
C ASN D 31 -13.05 -2.64 -12.47
N LEU D 32 -13.25 -3.67 -13.28
CA LEU D 32 -13.29 -3.50 -14.74
C LEU D 32 -14.70 -3.51 -15.29
N HIS D 33 -15.72 -3.50 -14.45
CA HIS D 33 -17.07 -3.55 -15.00
C HIS D 33 -17.34 -2.30 -15.83
N GLY D 34 -17.98 -2.49 -16.99
CA GLY D 34 -18.29 -1.41 -17.95
C GLY D 34 -17.12 -0.81 -18.69
N LEU D 35 -15.95 -1.46 -18.65
CA LEU D 35 -14.75 -0.97 -19.27
C LEU D 35 -14.96 -0.67 -20.75
N PHE D 36 -15.63 -1.58 -21.46
CA PHE D 36 -15.73 -1.42 -22.93
C PHE D 36 -16.48 -0.14 -23.31
N GLY D 37 -15.82 0.70 -24.09
CA GLY D 37 -16.37 1.97 -24.47
C GLY D 37 -16.06 3.10 -23.53
N ARG D 38 -15.32 2.87 -22.44
CA ARG D 38 -14.87 3.98 -21.60
C ARG D 38 -13.49 4.37 -22.02
OH ALY D 39 -10.65 11.90 -26.55
CH ALY D 39 -9.77 11.50 -25.75
CH3 ALY D 39 -8.34 12.00 -25.86
NZ ALY D 39 -10.02 10.59 -24.72
CE ALY D 39 -11.29 9.99 -24.44
CD ALY D 39 -11.26 8.46 -24.20
CG ALY D 39 -12.24 8.10 -23.09
CB ALY D 39 -11.47 7.52 -21.90
CA ALY D 39 -11.68 6.00 -21.84
N ALY D 39 -13.07 5.59 -21.63
C ALY D 39 -10.84 5.41 -20.71
O ALY D 39 -11.35 5.02 -19.66
N THR D 40 -9.52 5.42 -20.91
CA THR D 40 -8.57 4.95 -19.87
C THR D 40 -8.70 5.78 -18.62
N GLY D 41 -8.53 5.13 -17.47
CA GLY D 41 -8.54 5.86 -16.22
C GLY D 41 -9.88 6.38 -15.70
N GLN D 42 -11.02 5.74 -16.05
CA GLN D 42 -12.31 6.30 -15.64
C GLN D 42 -13.20 5.35 -14.82
N ALA D 43 -12.68 4.22 -14.30
CA ALA D 43 -13.48 3.51 -13.32
C ALA D 43 -13.60 4.44 -12.11
N PRO D 44 -14.81 4.70 -11.62
CA PRO D 44 -14.93 5.67 -10.53
C PRO D 44 -14.31 5.15 -9.24
N GLY D 45 -13.60 6.05 -8.56
CA GLY D 45 -13.15 5.73 -7.21
C GLY D 45 -11.92 4.88 -7.17
N PHE D 46 -11.01 5.04 -8.11
CA PHE D 46 -9.76 4.29 -8.09
C PHE D 46 -8.59 5.24 -8.32
N SER D 47 -7.53 5.08 -7.51
CA SER D 47 -6.31 5.86 -7.64
C SER D 47 -5.43 5.46 -8.82
N TYR D 48 -5.84 5.82 -10.03
CA TYR D 48 -4.98 5.57 -11.20
C TYR D 48 -3.71 6.41 -11.16
N THR D 49 -2.71 5.96 -11.90
CA THR D 49 -1.58 6.82 -12.22
C THR D 49 -1.99 7.90 -13.21
N ASP D 50 -1.17 8.94 -13.25
CA ASP D 50 -1.37 9.97 -14.27
C ASP D 50 -1.19 9.37 -15.66
N ALA D 51 -0.27 8.42 -15.81
CA ALA D 51 -0.05 7.75 -17.09
C ALA D 51 -1.32 7.07 -17.60
N ASN D 52 -2.00 6.29 -16.75
CA ASN D 52 -3.24 5.59 -17.16
C ASN D 52 -4.35 6.60 -17.45
N LYS D 53 -4.46 7.67 -16.66
CA LYS D 53 -5.50 8.67 -16.93
C LYS D 53 -5.24 9.45 -18.22
N ASN D 54 -3.98 9.66 -18.58
CA ASN D 54 -3.65 10.56 -19.69
C ASN D 54 -3.52 9.84 -21.01
N LYS D 55 -3.60 8.51 -21.01
CA LYS D 55 -3.38 7.79 -22.25
C LYS D 55 -4.43 8.20 -23.28
N GLY D 56 -5.68 8.26 -22.83
CA GLY D 56 -6.72 8.92 -23.62
C GLY D 56 -7.35 8.11 -24.73
N ILE D 57 -7.18 6.79 -24.75
CA ILE D 57 -7.80 5.97 -25.75
C ILE D 57 -9.11 5.41 -25.20
N THR D 58 -9.97 4.95 -26.09
CA THR D 58 -11.20 4.23 -25.73
C THR D 58 -10.95 2.74 -25.67
N TRP D 59 -11.32 2.12 -24.55
CA TRP D 59 -11.13 0.68 -24.45
C TRP D 59 -12.12 -0.09 -25.33
N GLY D 60 -11.61 -1.07 -26.06
CA GLY D 60 -12.42 -1.97 -26.84
C GLY D 60 -11.60 -3.17 -27.22
N GLU D 61 -12.16 -4.01 -28.11
CA GLU D 61 -11.47 -5.24 -28.45
C GLU D 61 -10.08 -4.94 -28.98
N GLU D 62 -9.98 -4.01 -29.96
CA GLU D 62 -8.67 -3.79 -30.56
C GLU D 62 -7.68 -3.07 -29.64
N THR D 63 -8.11 -2.01 -28.91
CA THR D 63 -7.11 -1.43 -28.01
C THR D 63 -6.74 -2.39 -26.86
N LEU D 64 -7.65 -3.25 -26.42
CA LEU D 64 -7.23 -4.24 -25.44
C LEU D 64 -6.24 -5.25 -26.03
N MET D 65 -6.45 -5.67 -27.27
CA MET D 65 -5.50 -6.57 -27.91
C MET D 65 -4.10 -5.99 -27.87
N GLU D 66 -3.99 -4.70 -28.21
CA GLU D 66 -2.65 -4.09 -28.20
C GLU D 66 -2.11 -3.91 -26.77
N TYR D 67 -2.95 -3.39 -25.86
CA TYR D 67 -2.50 -3.22 -24.46
C TYR D 67 -2.01 -4.52 -23.86
N LEU D 68 -2.81 -5.58 -24.02
CA LEU D 68 -2.50 -6.77 -23.29
C LEU D 68 -1.29 -7.50 -23.84
N GLU D 69 -0.85 -7.17 -25.06
CA GLU D 69 0.41 -7.72 -25.56
C GLU D 69 1.59 -7.23 -24.72
N ASN D 70 1.56 -5.95 -24.30
CA ASN D 70 2.66 -5.34 -23.57
C ASN D 70 2.17 -4.07 -22.88
N PRO D 71 1.61 -4.20 -21.69
CA PRO D 71 0.95 -3.04 -21.07
C PRO D 71 1.88 -1.89 -20.82
N LYS D 72 3.13 -2.14 -20.40
CA LYS D 72 4.02 -1.03 -20.11
C LYS D 72 4.45 -0.30 -21.39
N LYS D 73 4.47 -1.00 -22.53
CA LYS D 73 4.74 -0.31 -23.77
C LYS D 73 3.57 0.56 -24.20
N TYR D 74 2.34 0.10 -23.96
CA TYR D 74 1.18 0.88 -24.40
C TYR D 74 0.95 2.09 -23.48
N ILE D 75 1.20 1.90 -22.18
CA ILE D 75 0.96 2.97 -21.22
C ILE D 75 2.22 3.08 -20.36
N PRO D 76 3.24 3.76 -20.84
CA PRO D 76 4.47 3.85 -20.04
C PRO D 76 4.20 4.59 -18.74
N GLY D 77 4.77 4.08 -17.67
CA GLY D 77 4.49 4.59 -16.33
C GLY D 77 3.29 3.96 -15.64
N THR D 78 2.55 3.06 -16.29
CA THR D 78 1.49 2.39 -15.56
C THR D 78 2.03 1.62 -14.36
N LYS D 79 1.24 1.57 -13.28
CA LYS D 79 1.61 0.78 -12.10
C LYS D 79 0.99 -0.63 -12.11
N MET D 80 0.37 -1.05 -13.22
CA MET D 80 -0.07 -2.44 -13.36
C MET D 80 1.16 -3.30 -13.63
N ILE D 81 1.41 -4.31 -12.78
CA ILE D 81 2.60 -5.14 -12.92
C ILE D 81 2.17 -6.42 -13.60
N PHE D 82 2.36 -6.49 -14.92
CA PHE D 82 1.94 -7.63 -15.69
C PHE D 82 2.71 -7.61 -17.02
N ALA D 83 3.36 -8.73 -17.36
CA ALA D 83 4.29 -8.72 -18.49
C ALA D 83 3.59 -8.51 -19.84
N GLY D 84 2.39 -9.07 -19.98
CA GLY D 84 1.75 -9.11 -21.27
C GLY D 84 1.53 -10.54 -21.71
N ILE D 85 0.74 -10.66 -22.79
CA ILE D 85 0.43 -11.96 -23.41
C ILE D 85 0.73 -11.79 -24.88
N LYS D 86 1.78 -12.46 -25.37
CA LYS D 86 2.09 -12.32 -26.79
C LYS D 86 1.16 -13.20 -27.63
N LYS D 87 0.65 -14.29 -27.06
CA LYS D 87 -0.16 -15.21 -27.87
C LYS D 87 -1.45 -14.51 -28.32
N LYS D 88 -1.77 -14.72 -29.59
CA LYS D 88 -2.93 -14.09 -30.19
C LYS D 88 -4.22 -14.75 -29.73
N GLY D 89 -4.32 -16.09 -29.81
CA GLY D 89 -5.56 -16.77 -29.42
C GLY D 89 -5.90 -16.56 -27.96
N GLU D 90 -4.87 -16.60 -27.10
CA GLU D 90 -5.07 -16.36 -25.68
C GLU D 90 -5.72 -15.00 -25.42
N ARG D 91 -5.15 -13.95 -26.03
CA ARG D 91 -5.73 -12.62 -25.85
C ARG D 91 -7.16 -12.57 -26.38
N GLU D 92 -7.40 -13.19 -27.54
CA GLU D 92 -8.76 -13.17 -28.07
C GLU D 92 -9.74 -13.87 -27.14
N ASP D 93 -9.31 -14.97 -26.53
CA ASP D 93 -10.16 -15.66 -25.57
C ASP D 93 -10.42 -14.77 -24.36
N LEU D 94 -9.36 -14.17 -23.83
CA LEU D 94 -9.49 -13.31 -22.66
C LEU D 94 -10.44 -12.16 -22.94
N ILE D 95 -10.24 -11.49 -24.09
CA ILE D 95 -11.08 -10.34 -24.44
C ILE D 95 -12.52 -10.75 -24.65
N ALA D 96 -12.76 -11.95 -25.22
CA ALA D 96 -14.14 -12.45 -25.33
C ALA D 96 -14.77 -12.65 -23.96
N TYR D 97 -14.01 -13.21 -23.03
CA TYR D 97 -14.53 -13.30 -21.67
C TYR D 97 -14.79 -11.92 -21.08
N LEU D 98 -13.86 -10.98 -21.24
CA LEU D 98 -14.08 -9.66 -20.63
C LEU D 98 -15.28 -8.96 -21.23
N LYS D 99 -15.51 -9.12 -22.55
CA LYS D 99 -16.66 -8.46 -23.16
C LYS D 99 -17.97 -9.01 -22.63
N LYS D 100 -17.98 -10.29 -22.19
CA LYS D 100 -19.16 -10.86 -21.56
C LYS D 100 -19.24 -10.43 -20.09
N ALA D 101 -18.17 -10.66 -19.34
CA ALA D 101 -18.27 -10.56 -17.89
C ALA D 101 -18.32 -9.12 -17.41
N THR D 102 -17.64 -8.19 -18.12
CA THR D 102 -17.69 -6.80 -17.70
C THR D 102 -18.98 -6.12 -18.13
N ASN D 103 -19.81 -6.82 -18.91
CA ASN D 103 -21.05 -6.24 -19.41
C ASN D 103 -22.28 -6.95 -18.84
N GLU D 104 -22.08 -7.99 -18.05
CA GLU D 104 -23.11 -8.77 -17.34
C GLU D 104 -23.37 -8.23 -15.94
FE HEC E . 8.12 -12.91 -5.94
CHA HEC E . 8.24 -13.65 -2.54
CHB HEC E . 10.51 -15.22 -6.53
CHC HEC E . 7.70 -12.42 -9.36
CHD HEC E . 6.19 -10.11 -5.33
NA HEC E . 9.15 -14.15 -4.71
C1A HEC E . 9.05 -14.38 -3.35
C2A HEC E . 9.94 -15.42 -3.02
C3A HEC E . 10.56 -15.86 -4.13
C4A HEC E . 10.06 -15.07 -5.22
CMA HEC E . 11.56 -16.96 -4.31
CAA HEC E . 10.10 -15.93 -1.57
CBA HEC E . 11.22 -15.04 -0.94
CGA HEC E . 11.60 -15.43 0.47
O1A HEC E . 12.51 -14.75 0.99
O2A HEC E . 10.97 -16.39 1.00
NB HEC E . 8.86 -13.66 -7.59
C1B HEC E . 9.92 -14.58 -7.60
C2B HEC E . 10.15 -14.98 -8.96
C3B HEC E . 9.43 -14.15 -9.76
C4B HEC E . 8.59 -13.37 -8.92
CMB HEC E . 11.34 -15.90 -9.38
CAB HEC E . 9.36 -14.14 -11.33
CBB HEC E . 9.09 -15.52 -11.93
NC HEC E . 7.17 -11.57 -7.11
C1C HEC E . 7.05 -11.52 -8.50
C2C HEC E . 6.03 -10.57 -8.87
C3C HEC E . 5.74 -9.79 -7.80
C4C HEC E . 6.41 -10.48 -6.67
CMC HEC E . 5.94 -10.25 -10.37
CAC HEC E . 5.00 -8.46 -7.78
CBC HEC E . 3.64 -8.44 -8.48
ND HEC E . 7.39 -12.05 -4.27
C1D HEC E . 6.57 -10.92 -4.29
C2D HEC E . 6.11 -10.65 -2.93
C3D HEC E . 6.74 -11.68 -2.08
C4D HEC E . 7.49 -12.55 -2.94
CMD HEC E . 5.21 -9.52 -2.38
CAD HEC E . 6.47 -11.83 -0.56
CBD HEC E . 5.29 -12.80 -0.50
CGD HEC E . 4.74 -13.00 0.88
O1D HEC E . 3.71 -13.75 0.99
O2D HEC E . 5.32 -12.40 1.81
N24 FC6 F . 5.73 -19.33 -20.02
C24 FC6 F . 4.74 -18.99 -20.49
FE2 FC6 F . 3.23 -18.31 -21.28
C21 FC6 F . 2.59 -19.94 -21.72
N25 FC6 F . 2.18 -21.01 -21.98
C22 FC6 F . 2.36 -18.35 -19.70
N22 FC6 F . 1.73 -18.38 -18.70
C26 FC6 F . 4.11 -18.25 -22.87
N21 FC6 F . 4.67 -18.14 -23.89
C23 FC6 F . 3.94 -16.67 -20.92
N23 FC6 F . 4.44 -15.62 -20.66
C11 FC6 F . 1.75 -17.55 -22.06
N11 FC6 F . 0.77 -17.08 -22.48
N24 FC6 G . 29.42 -12.27 3.18
C24 FC6 G . 29.00 -11.19 2.91
FE2 FC6 G . 28.34 -9.57 2.34
C21 FC6 G . 27.29 -10.50 1.17
N25 FC6 G . 26.68 -11.15 0.41
C22 FC6 G . 27.08 -9.60 3.66
N22 FC6 G . 26.31 -9.56 4.57
C26 FC6 G . 29.61 -9.43 1.02
N21 FC6 G . 30.41 -9.33 0.15
C23 FC6 G . 29.38 -8.61 3.53
N23 FC6 G . 30.04 -7.98 4.31
C11 FC6 G . 27.65 -7.99 1.70
N11 FC6 G . 27.17 -7.00 1.27
FE HEC H . 4.53 4.64 14.99
CHA HEC H . 7.47 3.48 13.77
CHB HEC H . 5.87 4.70 18.19
CHC HEC H . 1.74 6.23 16.09
CHD HEC H . 2.94 4.04 11.98
NA HEC H . 6.36 4.14 15.81
C1A HEC H . 7.43 3.72 15.12
C2A HEC H . 8.52 3.50 16.04
C3A HEC H . 8.05 3.86 17.25
C4A HEC H . 6.68 4.28 17.13
CMA HEC H . 8.75 3.85 18.61
CAA HEC H . 9.90 3.01 15.65
CBA HEC H . 9.87 1.51 15.80
CGA HEC H . 11.20 0.82 15.57
O1A HEC H . 11.25 -0.45 15.64
O2A HEC H . 12.20 1.54 15.33
NB HEC H . 3.97 5.34 16.74
C1B HEC H . 4.60 5.19 17.99
C2B HEC H . 3.82 5.94 18.95
C3B HEC H . 2.64 6.27 18.41
C4B HEC H . 2.75 5.95 16.98
CMB HEC H . 4.18 5.83 20.45
CAB HEC H . 1.43 7.00 19.06
CBB HEC H . 2.02 8.30 19.66
NC HEC H . 2.68 5.02 14.20
C1C HEC H . 1.72 5.74 14.81
C2C HEC H . 0.70 6.02 13.85
C3C HEC H . 0.96 5.29 12.74
C4C HEC H . 2.27 4.74 12.93
CMC HEC H . -0.68 6.63 14.16
CAC HEC H . 0.06 4.95 11.55
CBC HEC H . -0.65 6.13 10.84
ND HEC H . 5.09 3.89 13.27
C1D HEC H . 4.29 3.76 12.12
C2D HEC H . 5.10 3.26 11.07
C3D HEC H . 6.46 3.11 11.55
C4D HEC H . 6.40 3.49 12.98
CMD HEC H . 4.70 2.96 9.64
CAD HEC H . 7.62 2.61 10.67
CBD HEC H . 8.23 3.94 10.13
CGD HEC H . 9.39 3.76 9.19
O1D HEC H . 9.95 4.84 8.76
O2D HEC H . 9.77 2.59 8.84
N24 FC6 I . 3.65 18.10 32.05
C24 FC6 I . 2.77 18.68 31.45
FE2 FC6 I . 1.42 19.53 30.54
C21 FC6 I . 1.08 17.94 29.72
N25 FC6 I . 0.70 16.97 29.23
C22 FC6 I . 0.24 19.00 31.80
N22 FC6 I . -0.49 18.62 32.65
C26 FC6 I . 2.68 20.02 29.31
N21 FC6 I . 3.54 20.30 28.53
C23 FC6 I . 1.76 21.10 31.43
N23 FC6 I . 2.10 22.11 31.90
C11 FC6 I . 0.07 20.36 29.61
N11 FC6 I . -0.78 20.83 29.01
N24 FC6 J . -1.60 16.50 22.82
C24 FC6 J . -2.34 17.21 22.23
FE2 FC6 J . -3.49 18.23 21.21
C21 FC6 J . -4.34 16.70 20.77
N25 FC6 J . -4.83 15.68 20.46
C22 FC6 J . -4.58 18.42 22.66
N22 FC6 J . -5.28 18.58 23.60
C26 FC6 J . -2.38 18.09 19.78
N21 FC6 J . -1.65 17.99 18.85
C23 FC6 J . -2.69 19.78 21.74
N23 FC6 J . -2.16 20.79 22.10
C11 FC6 J . -4.69 19.20 20.17
N11 FC6 J . -5.44 19.81 19.53
N24 FC6 K . -9.31 -1.45 29.45
C24 FC6 K . -9.45 -0.50 28.74
FE2 FC6 K . -9.66 0.96 27.65
C21 FC6 K . -11.12 0.21 26.86
N25 FC6 K . -12.05 -0.27 26.30
C22 FC6 K . -10.70 1.74 28.96
N22 FC6 K . -11.33 2.22 29.83
C26 FC6 K . -8.57 0.07 26.47
N21 FC6 K . -7.83 -0.53 25.75
C23 FC6 K . -8.24 1.77 28.50
N23 FC6 K . -7.40 2.38 29.06
C11 FC6 K . -9.81 2.42 26.54
N11 FC6 K . -9.88 3.39 25.87
N24 FC6 L . 12.58 -0.83 38.33
C24 FC6 L . 11.55 -0.29 38.17
FE2 FC6 L . 9.95 0.55 37.86
C21 FC6 L . 9.17 -1.06 37.46
N25 FC6 L . 8.65 -2.08 37.14
C22 FC6 L . 9.47 0.38 39.63
N22 FC6 L . 9.17 0.33 40.78
C26 FC6 L . 10.50 0.76 36.13
N21 FC6 L . 10.89 0.92 35.03
C23 FC6 L . 10.72 2.15 38.31
N23 FC6 L . 11.21 3.18 38.61
C11 FC6 L . 8.39 1.43 37.55
N11 FC6 L . 7.38 2.00 37.33
FE HEC M . -7.97 13.00 5.70
CHA HEC M . -10.38 11.59 3.78
CHB HEC M . -9.82 15.88 5.86
CHC HEC M . -5.73 14.27 7.94
CHD HEC M . -5.79 10.42 4.99
NA HEC M . -9.80 13.64 4.95
C1A HEC M . -10.63 12.86 4.27
C2A HEC M . -11.81 13.64 3.96
C3A HEC M . -11.65 14.85 4.55
C4A HEC M . -10.37 14.84 5.19
CMA HEC M . -12.57 16.09 4.63
CAA HEC M . -13.00 13.12 3.18
CBA HEC M . -12.80 13.56 1.72
CGA HEC M . -13.98 13.23 0.80
O1A HEC M . -13.82 13.52 -0.42
O2A HEC M . -15.01 12.66 1.25
NB HEC M . -7.88 14.67 6.71
C1B HEC M . -8.68 15.79 6.61
C2B HEC M . -8.24 16.77 7.54
C3B HEC M . -7.06 16.33 8.09
C4B HEC M . -6.83 15.00 7.58
CMB HEC M . -8.81 18.21 7.61
CAB HEC M . -6.15 17.10 9.06
CBB HEC M . -6.96 17.40 10.36
NC HEC M . -6.09 12.43 6.36
C1C HEC M . -5.38 13.08 7.34
C2C HEC M . -4.22 12.27 7.66
C3C HEC M . -4.21 11.26 6.77
C4C HEC M . -5.42 11.35 5.96
CMC HEC M . -3.10 12.75 8.62
CAC HEC M . -3.07 10.27 6.43
CBC HEC M . -2.46 9.51 7.60
ND HEC M . -8.06 11.36 4.56
C1D HEC M . -7.08 10.37 4.46
C2D HEC M . -7.59 9.29 3.73
C3D HEC M . -8.95 9.60 3.34
C4D HEC M . -9.22 10.91 3.94
CMD HEC M . -6.88 8.01 3.33
CAD HEC M . -9.91 8.72 2.58
CBD HEC M . -10.66 7.91 3.65
CGD HEC M . -11.55 6.83 3.07
O1D HEC M . -12.20 6.11 3.86
O2D HEC M . -11.65 6.65 1.84
N24 FC6 N . -7.94 25.22 24.31
C24 FC6 N . -8.83 25.69 23.72
FE2 FC6 N . -10.18 26.52 22.82
C21 FC6 N . -11.19 25.06 22.92
N25 FC6 N . -11.89 24.07 22.96
C22 FC6 N . -10.96 27.02 24.43
N22 FC6 N . -11.53 27.39 25.44
C26 FC6 N . -9.40 26.00 21.22
N21 FC6 N . -8.83 25.71 20.23
C23 FC6 N . -9.14 27.94 22.70
N23 FC6 N . -8.58 29.02 22.59
C11 FC6 N . -11.57 27.34 21.90
N11 FC6 N . -12.50 27.88 21.37
FE HEC O . -4.60 -4.72 -14.71
CHA HEC O . -5.15 -1.28 -15.06
CHB HEC O . -6.63 -5.27 -17.38
CHC HEC O . -3.71 -8.06 -14.66
CHD HEC O . -3.24 -4.31 -11.66
NA HEC O . -5.66 -3.51 -15.95
C1A HEC O . -5.73 -2.13 -15.96
C2A HEC O . -6.54 -1.70 -17.07
C3A HEC O . -6.96 -2.81 -17.70
C4A HEC O . -6.44 -3.97 -17.03
CMA HEC O . -7.85 -2.87 -18.95
CAA HEC O . -6.81 -0.19 -17.35
CBA HEC O . -8.16 0.13 -16.69
CGA HEC O . -8.69 1.53 -16.98
O1A HEC O . -9.74 1.84 -16.37
O2A HEC O . -8.04 2.26 -17.78
NB HEC O . -4.99 -6.33 -15.82
C1B HEC O . -5.92 -6.34 -16.82
C2B HEC O . -5.92 -7.65 -17.43
C3B HEC O . -5.22 -8.48 -16.63
C4B HEC O . -4.59 -7.61 -15.63
CMB HEC O . -6.94 -8.11 -18.51
CAB HEC O . -4.87 -10.01 -16.76
CBB HEC O . -4.23 -10.18 -18.17
NC HEC O . -3.67 -5.95 -13.42
C1C HEC O . -3.34 -7.27 -13.58
C2C HEC O . -2.43 -7.67 -12.50
C3C HEC O . -2.42 -6.65 -11.59
C4C HEC O . -3.14 -5.54 -12.22
CMC HEC O . -2.00 -9.13 -12.36
CAC HEC O . -1.85 -6.63 -10.16
CBC HEC O . -0.47 -7.30 -10.05
ND HEC O . -4.28 -3.11 -13.59
C1D HEC O . -3.63 -3.18 -12.36
C2D HEC O . -3.44 -1.84 -11.83
C3D HEC O . -4.02 -0.93 -12.83
C4D HEC O . -4.51 -1.75 -13.92
CMD HEC O . -2.77 -1.38 -10.51
CAD HEC O . -3.99 0.62 -12.69
CBD HEC O . -2.77 1.02 -13.49
CGD HEC O . -2.48 2.51 -13.39
O1D HEC O . -1.41 2.92 -13.89
O2D HEC O . -3.20 3.27 -12.74
#